data_3W8I
#
_entry.id   3W8I
#
_cell.length_a   69.100
_cell.length_b   69.100
_cell.length_c   117.570
_cell.angle_alpha   90.00
_cell.angle_beta   90.00
_cell.angle_gamma   90.00
#
_symmetry.space_group_name_H-M   'P 41 21 2'
#
loop_
_entity.id
_entity.type
_entity.pdbx_description
1 polymer 'Programmed cell death protein 10'
2 polymer 'Serine/threonine-protein kinase MST4'
3 water water
#
loop_
_entity_poly.entity_id
_entity_poly.type
_entity_poly.pdbx_seq_one_letter_code
_entity_poly.pdbx_strand_id
1 'polypeptide(L)'
;MKNEAETTSMVSMPLYAVMYPVFNELERVNLSAAQTLRAAFIKAEKENPGLTQDIIMKILEKKSVEVNFTESLLRMAADD
VEEYMIERPEPEFQDLNEKARALKQILSKIPDEINDRVRFLQTIKDIASAIKELLDTVNNVFKKYQYQNRRALEHQKKEF
VKYSKSFSDTLKTYFKDGKAINVFVSANRLIHQTNLILQTFKTVALEHHHHHH
;
A
2 'polypeptide(L)' GPGSMLVQTLSCLSMIITPAFAELKQQDENNASRNQAIEELEKSIAVAEAACPGITDKMVKKLIEKFQKCSADESP B
#
# COMPACT_ATOMS: atom_id res chain seq x y z
N MET A 10 -7.96 -3.62 -9.59
CA MET A 10 -7.14 -3.23 -8.45
C MET A 10 -5.73 -3.79 -8.54
N VAL A 11 -4.81 -3.14 -7.84
CA VAL A 11 -3.50 -3.69 -7.58
C VAL A 11 -3.43 -3.92 -6.07
N SER A 12 -2.36 -4.56 -5.61
CA SER A 12 -2.21 -4.80 -4.18
C SER A 12 -2.06 -3.49 -3.42
N MET A 13 -2.50 -3.50 -2.17
CA MET A 13 -2.43 -2.32 -1.31
C MET A 13 -1.02 -1.71 -1.15
N PRO A 14 0.01 -2.55 -0.92
CA PRO A 14 1.36 -1.96 -0.85
C PRO A 14 1.74 -1.20 -2.12
N LEU A 15 1.33 -1.72 -3.27
CA LEU A 15 1.64 -1.09 -4.54
C LEU A 15 1.04 0.31 -4.64
N TYR A 16 -0.29 0.41 -4.58
CA TYR A 16 -0.94 1.69 -4.78
C TYR A 16 -0.75 2.67 -3.63
N ALA A 17 -0.63 2.16 -2.41
CA ALA A 17 -0.51 3.02 -1.24
C ALA A 17 0.93 3.49 -1.00
N VAL A 18 1.89 2.63 -1.31
CA VAL A 18 3.30 2.98 -1.08
C VAL A 18 4.03 3.36 -2.36
N MET A 19 4.01 2.48 -3.35
CA MET A 19 4.83 2.66 -4.55
C MET A 19 4.28 3.68 -5.54
N TYR A 20 2.97 3.69 -5.74
CA TYR A 20 2.33 4.65 -6.65
C TYR A 20 2.70 6.12 -6.41
N PRO A 21 2.63 6.60 -5.15
CA PRO A 21 3.03 8.00 -4.93
C PRO A 21 4.50 8.25 -5.25
N VAL A 22 5.33 7.23 -5.08
CA VAL A 22 6.75 7.34 -5.41
C VAL A 22 6.92 7.47 -6.92
N PHE A 23 6.15 6.70 -7.67
CA PHE A 23 6.18 6.74 -9.13
C PHE A 23 5.75 8.09 -9.66
N ASN A 24 4.74 8.68 -9.03
CA ASN A 24 4.25 9.99 -9.43
C ASN A 24 5.31 11.07 -9.26
N GLU A 25 6.06 10.98 -8.17
CA GLU A 25 7.12 11.95 -7.89
C GLU A 25 8.31 11.75 -8.83
N LEU A 26 8.45 10.54 -9.36
CA LEU A 26 9.54 10.23 -10.26
C LEU A 26 9.29 10.76 -11.67
N GLU A 27 8.05 11.16 -11.93
CA GLU A 27 7.66 11.63 -13.26
C GLU A 27 8.32 12.97 -13.62
N ARG A 28 8.55 13.81 -12.63
CA ARG A 28 9.21 15.10 -12.88
C ARG A 28 10.68 14.92 -13.21
N VAL A 29 11.22 13.76 -12.87
CA VAL A 29 12.61 13.43 -13.18
C VAL A 29 12.71 12.98 -14.63
N ASN A 30 11.92 11.96 -14.98
CA ASN A 30 11.74 11.54 -16.36
C ASN A 30 10.49 10.70 -16.49
N LEU A 31 9.54 11.17 -17.29
CA LEU A 31 8.24 10.52 -17.41
C LEU A 31 8.34 9.08 -17.93
N SER A 32 9.16 8.88 -18.95
CA SER A 32 9.31 7.57 -19.58
C SER A 32 9.83 6.53 -18.59
N ALA A 33 10.92 6.85 -17.91
CA ALA A 33 11.52 5.93 -16.94
C ALA A 33 10.58 5.63 -15.78
N ALA A 34 9.85 6.66 -15.34
CA ALA A 34 8.88 6.50 -14.25
C ALA A 34 7.75 5.55 -14.66
N GLN A 35 7.22 5.76 -15.86
CA GLN A 35 6.19 4.89 -16.40
C GLN A 35 6.70 3.46 -16.53
N THR A 36 7.98 3.33 -16.89
CA THR A 36 8.63 2.02 -16.93
C THR A 36 8.62 1.35 -15.56
N LEU A 37 9.04 2.08 -14.53
CA LEU A 37 9.02 1.57 -13.17
C LEU A 37 7.63 1.12 -12.75
N ARG A 38 6.65 2.00 -12.93
CA ARG A 38 5.26 1.72 -12.54
C ARG A 38 4.73 0.46 -13.23
N ALA A 39 4.84 0.43 -14.56
CA ALA A 39 4.36 -0.71 -15.33
C ALA A 39 5.04 -2.00 -14.90
N ALA A 40 6.35 -1.93 -14.66
CA ALA A 40 7.13 -3.09 -14.24
C ALA A 40 6.64 -3.64 -12.91
N PHE A 41 6.46 -2.77 -11.93
CA PHE A 41 5.96 -3.18 -10.61
C PHE A 41 4.55 -3.77 -10.72
N ILE A 42 3.70 -3.12 -11.52
CA ILE A 42 2.34 -3.60 -11.73
C ILE A 42 2.34 -5.01 -12.29
N LYS A 43 3.22 -5.26 -13.27
CA LYS A 43 3.33 -6.57 -13.88
C LYS A 43 3.88 -7.63 -12.92
N ALA A 44 4.90 -7.25 -12.16
CA ALA A 44 5.51 -8.17 -11.21
C ALA A 44 4.53 -8.58 -10.11
N GLU A 45 3.76 -7.62 -9.60
CA GLU A 45 2.77 -7.90 -8.57
C GLU A 45 1.61 -8.70 -9.15
N LYS A 46 1.22 -8.35 -10.38
CA LYS A 46 0.18 -9.08 -11.10
C LYS A 46 0.54 -10.56 -11.22
N GLU A 47 1.80 -10.84 -11.55
CA GLU A 47 2.25 -12.22 -11.72
C GLU A 47 2.36 -12.98 -10.39
N ASN A 48 2.87 -12.31 -9.36
CA ASN A 48 3.07 -12.96 -8.07
C ASN A 48 2.67 -12.04 -6.91
N PRO A 49 1.40 -12.12 -6.47
CA PRO A 49 0.87 -11.24 -5.43
C PRO A 49 1.61 -11.37 -4.10
N GLY A 50 1.82 -10.24 -3.44
CA GLY A 50 2.56 -10.20 -2.19
C GLY A 50 4.01 -9.82 -2.41
N LEU A 51 4.41 -9.78 -3.67
CA LEU A 51 5.80 -9.53 -4.04
C LEU A 51 6.24 -8.10 -3.74
N THR A 52 5.37 -7.13 -3.99
CA THR A 52 5.69 -5.73 -3.74
C THR A 52 6.00 -5.49 -2.27
N GLN A 53 5.24 -6.12 -1.39
CA GLN A 53 5.49 -6.05 0.04
C GLN A 53 6.87 -6.61 0.39
N ASP A 54 7.20 -7.76 -0.19
CA ASP A 54 8.50 -8.38 0.04
C ASP A 54 9.63 -7.48 -0.42
N ILE A 55 9.44 -6.85 -1.57
CA ILE A 55 10.44 -5.94 -2.13
C ILE A 55 10.65 -4.74 -1.22
N ILE A 56 9.55 -4.12 -0.80
CA ILE A 56 9.61 -2.95 0.07
C ILE A 56 10.28 -3.29 1.40
N MET A 57 9.87 -4.38 2.02
CA MET A 57 10.43 -4.81 3.30
C MET A 57 11.90 -5.15 3.19
N LYS A 58 12.28 -5.80 2.10
CA LYS A 58 13.67 -6.18 1.87
C LYS A 58 14.55 -4.93 1.65
N ILE A 59 14.00 -3.95 0.93
CA ILE A 59 14.71 -2.71 0.69
C ILE A 59 14.87 -1.91 2.00
N LEU A 60 13.83 -1.90 2.81
CA LEU A 60 13.87 -1.25 4.11
C LEU A 60 14.89 -1.93 5.02
N GLU A 61 14.99 -3.25 4.87
CA GLU A 61 15.96 -4.03 5.62
C GLU A 61 17.38 -3.67 5.19
N LYS A 62 17.59 -3.60 3.88
CA LYS A 62 18.92 -3.32 3.33
C LYS A 62 19.39 -1.90 3.62
N LYS A 63 18.46 -1.02 3.99
CA LYS A 63 18.80 0.34 4.36
C LYS A 63 18.68 0.54 5.87
N SER A 64 18.50 -0.58 6.57
CA SER A 64 18.42 -0.60 8.03
C SER A 64 17.39 0.35 8.63
N VAL A 65 16.28 0.51 7.93
CA VAL A 65 15.15 1.24 8.48
C VAL A 65 14.34 0.29 9.33
N GLU A 66 14.29 0.56 10.63
CA GLU A 66 13.61 -0.34 11.55
C GLU A 66 12.26 0.18 12.00
N VAL A 67 11.22 -0.30 11.34
CA VAL A 67 9.84 0.03 11.66
C VAL A 67 8.99 -1.10 11.11
N ASN A 68 7.87 -1.38 11.77
CA ASN A 68 6.98 -2.44 11.30
C ASN A 68 6.31 -2.02 10.00
N PHE A 69 6.36 -2.90 9.01
CA PHE A 69 5.82 -2.57 7.69
C PHE A 69 4.33 -2.27 7.70
N THR A 70 3.54 -3.18 8.25
CA THR A 70 2.08 -3.06 8.21
C THR A 70 1.57 -1.87 9.03
N GLU A 71 2.27 -1.56 10.12
CA GLU A 71 1.92 -0.42 10.95
C GLU A 71 2.10 0.88 10.19
N SER A 72 3.24 1.01 9.50
CA SER A 72 3.55 2.19 8.73
C SER A 72 2.62 2.30 7.53
N LEU A 73 2.33 1.16 6.93
CA LEU A 73 1.37 1.07 5.83
C LEU A 73 0.06 1.67 6.30
N LEU A 74 -0.40 1.22 7.46
CA LEU A 74 -1.63 1.73 8.04
C LEU A 74 -1.55 3.23 8.28
N ARG A 75 -0.42 3.70 8.78
CA ARG A 75 -0.22 5.12 9.03
C ARG A 75 -0.38 5.96 7.77
N MET A 76 0.14 5.46 6.64
CA MET A 76 0.15 6.24 5.41
C MET A 76 -1.00 5.90 4.46
N ALA A 77 -1.97 5.12 4.94
CA ALA A 77 -2.99 4.56 4.05
C ALA A 77 -4.29 5.38 3.91
N ALA A 78 -4.32 6.57 4.49
CA ALA A 78 -5.57 7.34 4.51
C ALA A 78 -5.74 8.27 3.30
N ASP A 79 -4.67 8.45 2.53
CA ASP A 79 -4.72 9.35 1.38
C ASP A 79 -5.54 8.79 0.22
N ASP A 80 -6.09 9.68 -0.59
CA ASP A 80 -6.85 9.30 -1.78
C ASP A 80 -5.95 8.61 -2.80
N VAL A 81 -6.49 7.57 -3.44
CA VAL A 81 -5.88 7.02 -4.63
C VAL A 81 -6.68 7.57 -5.79
N GLU A 82 -6.09 8.52 -6.52
CA GLU A 82 -6.81 9.26 -7.56
C GLU A 82 -7.50 8.38 -8.59
N GLU A 83 -6.76 7.43 -9.15
CA GLU A 83 -7.26 6.58 -10.22
C GLU A 83 -8.46 5.73 -9.80
N TYR A 84 -8.77 5.73 -8.51
CA TYR A 84 -9.91 4.97 -7.99
C TYR A 84 -11.06 5.87 -7.53
N MET A 85 -10.82 7.18 -7.44
CA MET A 85 -11.74 8.09 -6.73
C MET A 85 -12.91 8.62 -7.55
N ILE A 86 -14.01 8.92 -6.87
CA ILE A 86 -15.23 9.36 -7.53
C ILE A 86 -15.38 10.88 -7.47
N GLU A 87 -15.57 11.49 -8.63
CA GLU A 87 -15.73 12.93 -8.73
C GLU A 87 -17.04 13.30 -9.43
N ARG A 88 -18.16 12.85 -8.87
CA ARG A 88 -19.48 13.03 -9.48
C ARG A 88 -20.37 14.02 -8.71
N PRO A 89 -21.19 14.80 -9.45
CA PRO A 89 -22.06 15.85 -8.88
C PRO A 89 -23.28 15.38 -8.10
N GLU A 90 -23.60 14.08 -8.12
CA GLU A 90 -24.73 13.58 -7.33
C GLU A 90 -24.40 13.53 -5.84
N PRO A 91 -25.39 13.84 -4.99
CA PRO A 91 -25.21 13.87 -3.53
C PRO A 91 -24.75 12.52 -2.97
N GLU A 92 -25.27 11.44 -3.52
CA GLU A 92 -24.96 10.10 -3.03
C GLU A 92 -23.46 9.77 -3.12
N PHE A 93 -22.84 10.17 -4.22
CA PHE A 93 -21.43 9.88 -4.45
C PHE A 93 -20.50 10.81 -3.69
N GLN A 94 -20.92 12.07 -3.53
CA GLN A 94 -20.17 13.01 -2.71
C GLN A 94 -20.15 12.51 -1.28
N ASP A 95 -21.32 12.03 -0.84
CA ASP A 95 -21.47 11.46 0.48
C ASP A 95 -20.60 10.20 0.62
N LEU A 96 -20.55 9.42 -0.46
CA LEU A 96 -19.72 8.21 -0.49
C LEU A 96 -18.27 8.57 -0.25
N ASN A 97 -17.79 9.55 -1.00
CA ASN A 97 -16.41 9.99 -0.88
C ASN A 97 -16.11 10.52 0.52
N GLU A 98 -17.00 11.33 1.06
CA GLU A 98 -16.80 11.87 2.40
C GLU A 98 -16.70 10.77 3.47
N LYS A 99 -17.68 9.86 3.46
CA LYS A 99 -17.71 8.78 4.44
C LYS A 99 -16.51 7.86 4.33
N ALA A 100 -16.18 7.47 3.10
CA ALA A 100 -15.03 6.62 2.84
C ALA A 100 -13.75 7.28 3.35
N ARG A 101 -13.60 8.56 3.01
CA ARG A 101 -12.45 9.34 3.46
C ARG A 101 -12.34 9.32 4.98
N ALA A 102 -13.45 9.60 5.65
CA ALA A 102 -13.50 9.61 7.11
C ALA A 102 -13.07 8.27 7.70
N LEU A 103 -13.65 7.18 7.19
CA LEU A 103 -13.31 5.85 7.66
C LEU A 103 -11.82 5.58 7.52
N LYS A 104 -11.28 5.86 6.33
CA LYS A 104 -9.86 5.62 6.08
C LYS A 104 -8.96 6.42 7.02
N GLN A 105 -9.32 7.68 7.26
CA GLN A 105 -8.56 8.53 8.18
C GLN A 105 -8.55 7.95 9.60
N ILE A 106 -9.75 7.67 10.11
CA ILE A 106 -9.88 7.11 11.46
C ILE A 106 -9.09 5.82 11.62
N LEU A 107 -9.20 4.93 10.64
CA LEU A 107 -8.46 3.67 10.66
C LEU A 107 -6.96 3.93 10.63
N SER A 108 -6.55 4.98 9.92
CA SER A 108 -5.15 5.35 9.85
C SER A 108 -4.62 5.87 11.18
N LYS A 109 -5.50 6.43 12.00
CA LYS A 109 -5.09 6.92 13.32
C LYS A 109 -4.84 5.84 14.37
N ILE A 110 -5.10 4.58 14.03
CA ILE A 110 -4.97 3.48 14.98
C ILE A 110 -3.59 3.30 15.64
N PRO A 111 -2.50 3.29 14.85
CA PRO A 111 -1.19 3.12 15.48
C PRO A 111 -0.84 4.21 16.50
N ASP A 112 -1.37 5.41 16.30
CA ASP A 112 -1.10 6.52 17.21
C ASP A 112 -1.92 6.44 18.49
N GLU A 113 -3.00 5.68 18.47
CA GLU A 113 -3.94 5.68 19.59
C GLU A 113 -4.03 4.36 20.35
N ILE A 114 -3.41 3.32 19.82
CA ILE A 114 -3.59 1.98 20.38
C ILE A 114 -2.78 1.73 21.65
N ASN A 115 -1.73 2.52 21.85
CA ASN A 115 -0.90 2.37 23.06
C ASN A 115 -1.46 3.13 24.25
N ASP A 116 -2.54 3.86 24.02
CA ASP A 116 -3.28 4.54 25.08
C ASP A 116 -4.69 3.96 25.08
N ARG A 117 -5.00 3.16 26.09
CA ARG A 117 -6.24 2.39 26.11
C ARG A 117 -7.49 3.26 26.10
N VAL A 118 -7.45 4.40 26.77
CA VAL A 118 -8.56 5.34 26.77
C VAL A 118 -8.83 5.82 25.34
N ARG A 119 -7.80 6.39 24.73
CA ARG A 119 -7.86 6.87 23.37
C ARG A 119 -8.35 5.80 22.41
N PHE A 120 -7.79 4.60 22.54
CA PHE A 120 -8.15 3.49 21.65
C PHE A 120 -9.62 3.08 21.82
N LEU A 121 -10.07 3.07 23.08
CA LEU A 121 -11.48 2.78 23.36
C LEU A 121 -12.39 3.81 22.72
N GLN A 122 -11.90 5.06 22.62
CA GLN A 122 -12.65 6.08 21.88
C GLN A 122 -12.61 5.82 20.37
N THR A 123 -11.44 5.39 19.89
CA THR A 123 -11.23 5.14 18.48
C THR A 123 -12.15 4.07 17.96
N ILE A 124 -12.39 3.04 18.78
CA ILE A 124 -13.29 1.95 18.40
C ILE A 124 -14.71 2.46 18.15
N LYS A 125 -15.18 3.32 19.05
CA LYS A 125 -16.50 3.93 18.89
C LYS A 125 -16.54 4.77 17.63
N ASP A 126 -15.49 5.55 17.40
CA ASP A 126 -15.39 6.37 16.19
C ASP A 126 -15.47 5.52 14.92
N ILE A 127 -14.78 4.39 14.94
CA ILE A 127 -14.74 3.47 13.81
C ILE A 127 -16.11 2.87 13.56
N ALA A 128 -16.77 2.43 14.62
CA ALA A 128 -18.12 1.88 14.52
C ALA A 128 -19.05 2.91 13.88
N SER A 129 -18.94 4.15 14.35
CA SER A 129 -19.75 5.24 13.81
C SER A 129 -19.49 5.45 12.31
N ALA A 130 -18.21 5.50 11.96
CA ALA A 130 -17.81 5.74 10.57
C ALA A 130 -18.28 4.63 9.64
N ILE A 131 -18.23 3.39 10.12
CA ILE A 131 -18.67 2.24 9.35
C ILE A 131 -20.18 2.28 9.15
N LYS A 132 -20.90 2.60 10.22
CA LYS A 132 -22.34 2.78 10.16
C LYS A 132 -22.73 3.83 9.10
N GLU A 133 -22.04 4.96 9.13
CA GLU A 133 -22.34 6.04 8.19
C GLU A 133 -21.99 5.67 6.75
N LEU A 134 -20.85 5.01 6.57
CA LEU A 134 -20.44 4.56 5.25
C LEU A 134 -21.48 3.60 4.66
N LEU A 135 -21.93 2.65 5.48
CA LEU A 135 -22.97 1.71 5.07
C LEU A 135 -24.27 2.43 4.71
N ASP A 136 -24.66 3.40 5.54
CA ASP A 136 -25.82 4.24 5.25
C ASP A 136 -25.71 4.82 3.86
N THR A 137 -24.54 5.40 3.59
CA THR A 137 -24.29 6.05 2.32
C THR A 137 -24.37 5.10 1.13
N VAL A 138 -23.78 3.91 1.28
CA VAL A 138 -23.87 2.89 0.24
C VAL A 138 -25.33 2.53 -0.05
N ASN A 139 -26.10 2.35 1.02
CA ASN A 139 -27.52 2.09 0.88
C ASN A 139 -28.24 3.21 0.13
N ASN A 140 -27.86 4.45 0.41
CA ASN A 140 -28.43 5.59 -0.29
C ASN A 140 -28.07 5.59 -1.76
N VAL A 141 -26.88 5.08 -2.08
CA VAL A 141 -26.48 4.96 -3.47
C VAL A 141 -27.35 3.93 -4.20
N PHE A 142 -27.57 2.79 -3.54
CA PHE A 142 -28.31 1.70 -4.17
C PHE A 142 -29.72 2.07 -4.65
N LYS A 143 -30.32 3.06 -4.01
CA LYS A 143 -31.65 3.51 -4.42
C LYS A 143 -31.58 4.77 -5.26
N LEU A 153 -21.70 -4.59 -6.76
CA LEU A 153 -22.87 -3.94 -6.19
C LEU A 153 -23.12 -4.39 -4.75
N GLU A 154 -24.06 -5.32 -4.59
CA GLU A 154 -24.34 -5.87 -3.28
C GLU A 154 -23.25 -6.84 -2.86
N HIS A 155 -22.50 -7.33 -3.85
CA HIS A 155 -21.35 -8.19 -3.58
C HIS A 155 -20.27 -7.40 -2.84
N GLN A 156 -19.96 -6.21 -3.33
CA GLN A 156 -18.96 -5.37 -2.69
C GLN A 156 -19.42 -4.88 -1.33
N LYS A 157 -20.71 -4.61 -1.20
CA LYS A 157 -21.27 -4.24 0.09
C LYS A 157 -21.11 -5.38 1.08
N LYS A 158 -21.37 -6.60 0.61
CA LYS A 158 -21.25 -7.77 1.45
C LYS A 158 -19.81 -8.02 1.86
N GLU A 159 -18.88 -7.79 0.94
CA GLU A 159 -17.45 -7.91 1.23
C GLU A 159 -17.07 -6.91 2.32
N PHE A 160 -17.54 -5.68 2.16
CA PHE A 160 -17.25 -4.63 3.12
C PHE A 160 -17.79 -4.98 4.50
N VAL A 161 -19.01 -5.50 4.55
CA VAL A 161 -19.61 -5.93 5.81
C VAL A 161 -18.80 -7.06 6.42
N LYS A 162 -18.34 -7.98 5.58
CA LYS A 162 -17.54 -9.11 6.04
C LYS A 162 -16.22 -8.67 6.67
N TYR A 163 -15.56 -7.70 6.05
CA TYR A 163 -14.30 -7.23 6.59
C TYR A 163 -14.46 -6.28 7.78
N SER A 164 -15.62 -5.62 7.87
CA SER A 164 -15.95 -4.85 9.05
C SER A 164 -16.13 -5.79 10.24
N LYS A 165 -16.90 -6.86 10.01
CA LYS A 165 -17.13 -7.89 11.02
C LYS A 165 -15.82 -8.56 11.40
N SER A 166 -14.95 -8.75 10.41
CA SER A 166 -13.63 -9.33 10.64
C SER A 166 -12.80 -8.41 11.52
N PHE A 167 -12.93 -7.11 11.31
CA PHE A 167 -12.24 -6.14 12.14
C PHE A 167 -12.76 -6.19 13.58
N SER A 168 -14.08 -6.33 13.72
CA SER A 168 -14.70 -6.44 15.04
C SER A 168 -14.16 -7.66 15.79
N ASP A 169 -14.18 -8.80 15.12
CA ASP A 169 -13.67 -10.04 15.69
C ASP A 169 -12.20 -9.93 16.05
N THR A 170 -11.44 -9.25 15.18
CA THR A 170 -10.03 -9.01 15.43
C THR A 170 -9.82 -8.18 16.70
N LEU A 171 -10.72 -7.22 16.92
CA LEU A 171 -10.69 -6.45 18.16
C LEU A 171 -10.95 -7.36 19.36
N LYS A 172 -11.95 -8.23 19.21
CA LYS A 172 -12.28 -9.18 20.26
C LYS A 172 -11.07 -10.04 20.64
N THR A 173 -10.32 -10.49 19.63
CA THR A 173 -9.13 -11.29 19.86
C THR A 173 -8.02 -10.46 20.50
N TYR A 174 -7.89 -9.23 20.03
CA TYR A 174 -6.86 -8.31 20.53
C TYR A 174 -7.01 -8.05 22.02
N PHE A 175 -8.25 -7.81 22.46
CA PHE A 175 -8.49 -7.56 23.88
C PHE A 175 -8.19 -8.78 24.75
N LYS A 176 -7.96 -9.92 24.10
CA LYS A 176 -7.62 -11.15 24.80
C LYS A 176 -6.11 -11.37 24.81
N ASP A 177 -5.48 -11.33 23.63
CA ASP A 177 -4.05 -11.64 23.52
C ASP A 177 -3.12 -10.42 23.49
N GLY A 178 -3.69 -9.24 23.24
CA GLY A 178 -2.93 -8.01 23.29
C GLY A 178 -2.00 -7.76 22.11
N LYS A 179 -2.15 -8.56 21.04
CA LYS A 179 -1.30 -8.41 19.87
C LYS A 179 -1.87 -7.39 18.88
N ALA A 180 -1.26 -6.22 18.84
CA ALA A 180 -1.76 -5.09 18.06
C ALA A 180 -1.58 -5.25 16.55
N ILE A 181 -0.58 -6.04 16.17
CA ILE A 181 -0.24 -6.25 14.77
C ILE A 181 -1.44 -6.77 13.96
N ASN A 182 -2.23 -7.64 14.58
CA ASN A 182 -3.44 -8.17 13.96
C ASN A 182 -4.46 -7.08 13.70
N VAL A 183 -4.56 -6.14 14.64
CA VAL A 183 -5.46 -5.00 14.49
C VAL A 183 -4.99 -4.14 13.32
N PHE A 184 -3.69 -3.97 13.21
CA PHE A 184 -3.12 -3.23 12.09
C PHE A 184 -3.46 -3.89 10.76
N VAL A 185 -3.32 -5.21 10.71
CA VAL A 185 -3.65 -5.99 9.52
C VAL A 185 -5.12 -5.82 9.12
N SER A 186 -6.02 -6.05 10.07
CA SER A 186 -7.45 -5.93 9.83
C SER A 186 -7.83 -4.53 9.37
N ALA A 187 -7.24 -3.52 10.00
CA ALA A 187 -7.49 -2.14 9.63
C ALA A 187 -7.08 -1.89 8.17
N ASN A 188 -5.89 -2.37 7.82
CA ASN A 188 -5.42 -2.26 6.44
C ASN A 188 -6.38 -2.92 5.45
N ARG A 189 -6.82 -4.12 5.76
CA ARG A 189 -7.75 -4.84 4.87
C ARG A 189 -9.07 -4.10 4.73
N LEU A 190 -9.54 -3.49 5.81
CA LEU A 190 -10.79 -2.73 5.77
C LEU A 190 -10.62 -1.48 4.90
N ILE A 191 -9.44 -0.85 4.99
CA ILE A 191 -9.14 0.29 4.14
C ILE A 191 -9.14 -0.12 2.66
N HIS A 192 -8.50 -1.25 2.38
CA HIS A 192 -8.47 -1.79 1.03
C HIS A 192 -9.88 -2.06 0.51
N GLN A 193 -10.74 -2.58 1.38
CA GLN A 193 -12.13 -2.85 1.00
C GLN A 193 -12.90 -1.57 0.75
N THR A 194 -12.57 -0.53 1.52
CA THR A 194 -13.18 0.79 1.30
C THR A 194 -12.80 1.31 -0.08
N ASN A 195 -11.51 1.19 -0.42
CA ASN A 195 -11.04 1.55 -1.75
C ASN A 195 -11.71 0.73 -2.85
N LEU A 196 -11.99 -0.53 -2.55
CA LEU A 196 -12.70 -1.39 -3.50
C LEU A 196 -14.14 -0.96 -3.71
N ILE A 197 -14.79 -0.52 -2.63
CA ILE A 197 -16.12 0.06 -2.72
C ILE A 197 -16.08 1.29 -3.63
N LEU A 198 -15.11 2.15 -3.37
CA LEU A 198 -14.89 3.36 -4.18
C LEU A 198 -14.75 3.02 -5.66
N GLN A 199 -13.90 2.04 -5.97
CA GLN A 199 -13.62 1.68 -7.34
C GLN A 199 -14.81 1.03 -8.04
N THR A 200 -15.52 0.16 -7.31
CA THR A 200 -16.68 -0.54 -7.86
C THR A 200 -17.82 0.43 -8.17
N PHE A 201 -18.03 1.38 -7.27
CA PHE A 201 -19.06 2.39 -7.48
C PHE A 201 -18.61 3.43 -8.51
N LYS A 202 -17.36 3.33 -8.93
CA LYS A 202 -16.82 4.18 -9.98
C LYS A 202 -16.95 3.51 -11.35
N PRO B 2 34.29 7.50 -18.41
CA PRO B 2 34.34 8.60 -17.45
C PRO B 2 34.32 8.09 -16.01
N GLY B 3 33.34 8.54 -15.24
CA GLY B 3 33.12 8.01 -13.91
C GLY B 3 32.10 6.89 -13.97
N SER B 4 32.11 6.16 -15.08
CA SER B 4 31.15 5.11 -15.37
C SER B 4 31.04 4.07 -14.26
N MET B 5 32.17 3.47 -13.89
CA MET B 5 32.18 2.40 -12.90
C MET B 5 31.80 2.90 -11.51
N LEU B 6 32.26 4.10 -11.16
CA LEU B 6 31.95 4.67 -9.85
C LEU B 6 30.46 4.98 -9.73
N VAL B 7 29.90 5.57 -10.77
CA VAL B 7 28.49 5.94 -10.78
C VAL B 7 27.59 4.72 -10.56
N GLN B 8 27.81 3.67 -11.35
CA GLN B 8 26.99 2.47 -11.25
C GLN B 8 27.27 1.69 -9.97
N THR B 9 28.49 1.81 -9.45
CA THR B 9 28.85 1.17 -8.19
C THR B 9 28.13 1.84 -7.02
N LEU B 10 27.90 3.15 -7.15
CA LEU B 10 27.25 3.91 -6.08
C LEU B 10 25.73 3.91 -6.19
N SER B 11 25.21 3.59 -7.38
CA SER B 11 23.77 3.57 -7.59
C SER B 11 23.09 2.49 -6.74
N CYS B 12 21.86 2.77 -6.32
CA CYS B 12 21.09 1.83 -5.52
C CYS B 12 20.71 0.57 -6.28
N LEU B 13 20.89 0.60 -7.60
CA LEU B 13 20.67 -0.58 -8.42
C LEU B 13 21.67 -1.66 -8.00
N SER B 14 22.94 -1.30 -7.99
CA SER B 14 24.00 -2.24 -7.62
C SER B 14 24.11 -2.39 -6.12
N MET B 15 23.85 -1.31 -5.39
CA MET B 15 24.01 -1.31 -3.94
C MET B 15 22.85 -1.98 -3.21
N ILE B 16 21.63 -1.78 -3.71
CA ILE B 16 20.46 -2.24 -2.99
C ILE B 16 19.61 -3.25 -3.77
N ILE B 17 19.26 -2.92 -5.00
CA ILE B 17 18.30 -3.70 -5.76
C ILE B 17 18.74 -5.13 -6.09
N THR B 18 19.92 -5.28 -6.67
CA THR B 18 20.44 -6.60 -7.03
C THR B 18 20.53 -7.59 -5.84
N PRO B 19 21.18 -7.17 -4.72
CA PRO B 19 21.28 -8.11 -3.60
C PRO B 19 19.90 -8.42 -3.00
N ALA B 20 19.08 -7.39 -2.85
CA ALA B 20 17.73 -7.54 -2.31
C ALA B 20 16.95 -8.56 -3.10
N PHE B 21 17.01 -8.45 -4.42
CA PHE B 21 16.28 -9.35 -5.31
C PHE B 21 16.84 -10.76 -5.26
N ALA B 22 18.15 -10.86 -5.15
CA ALA B 22 18.79 -12.17 -4.97
C ALA B 22 18.25 -12.87 -3.73
N GLU B 23 18.18 -12.12 -2.62
CA GLU B 23 17.64 -12.66 -1.37
C GLU B 23 16.17 -13.04 -1.51
N LEU B 24 15.40 -12.19 -2.19
CA LEU B 24 13.99 -12.46 -2.44
C LEU B 24 13.83 -13.78 -3.17
N LYS B 25 14.73 -14.07 -4.11
CA LYS B 25 14.73 -15.36 -4.77
C LYS B 25 15.10 -16.47 -3.79
N GLN B 26 16.04 -16.18 -2.90
CA GLN B 26 16.46 -17.16 -1.91
C GLN B 26 15.35 -17.52 -0.93
N GLN B 27 14.34 -16.66 -0.84
CA GLN B 27 13.19 -16.93 0.01
C GLN B 27 12.34 -18.10 -0.49
N ASP B 28 12.45 -18.39 -1.79
CA ASP B 28 11.65 -19.44 -2.41
C ASP B 28 12.34 -19.87 -3.71
N GLU B 29 13.52 -20.44 -3.57
CA GLU B 29 14.41 -20.69 -4.71
C GLU B 29 13.85 -21.62 -5.79
N ASN B 30 12.82 -22.40 -5.46
CA ASN B 30 12.25 -23.33 -6.42
C ASN B 30 10.98 -22.81 -7.10
N ASN B 31 10.55 -21.62 -6.71
CA ASN B 31 9.39 -20.99 -7.32
C ASN B 31 9.78 -20.29 -8.62
N ALA B 32 9.52 -20.96 -9.74
CA ALA B 32 9.98 -20.49 -11.04
C ALA B 32 9.35 -19.17 -11.47
N SER B 33 8.03 -19.10 -11.42
CA SER B 33 7.30 -17.92 -11.90
C SER B 33 7.63 -16.68 -11.08
N ARG B 34 7.77 -16.87 -9.77
CA ARG B 34 8.12 -15.77 -8.87
C ARG B 34 9.51 -15.23 -9.22
N ASN B 35 10.47 -16.14 -9.37
CA ASN B 35 11.83 -15.77 -9.73
C ASN B 35 11.91 -15.08 -11.08
N GLN B 36 11.08 -15.52 -12.01
CA GLN B 36 11.05 -14.90 -13.33
C GLN B 36 10.44 -13.50 -13.27
N ALA B 37 9.41 -13.34 -12.44
CA ALA B 37 8.82 -12.03 -12.21
C ALA B 37 9.87 -11.09 -11.64
N ILE B 38 10.62 -11.59 -10.67
CA ILE B 38 11.69 -10.83 -10.03
C ILE B 38 12.76 -10.41 -11.05
N GLU B 39 13.20 -11.36 -11.87
CA GLU B 39 14.20 -11.10 -12.90
C GLU B 39 13.75 -10.05 -13.91
N GLU B 40 12.53 -10.21 -14.42
CA GLU B 40 11.97 -9.24 -15.35
C GLU B 40 11.89 -7.86 -14.71
N LEU B 41 11.52 -7.82 -13.44
CA LEU B 41 11.42 -6.57 -12.71
C LEU B 41 12.78 -5.88 -12.63
N GLU B 42 13.82 -6.63 -12.27
CA GLU B 42 15.16 -6.05 -12.19
C GLU B 42 15.62 -5.56 -13.56
N LYS B 43 15.33 -6.34 -14.60
CA LYS B 43 15.64 -5.93 -15.96
C LYS B 43 14.99 -4.59 -16.32
N SER B 44 13.72 -4.44 -15.95
CA SER B 44 13.00 -3.20 -16.24
C SER B 44 13.52 -2.02 -15.43
N ILE B 45 13.91 -2.28 -14.19
CA ILE B 45 14.53 -1.24 -13.37
C ILE B 45 15.85 -0.78 -13.99
N ALA B 46 16.57 -1.73 -14.59
CA ALA B 46 17.81 -1.43 -15.29
C ALA B 46 17.53 -0.60 -16.54
N VAL B 47 16.45 -0.92 -17.24
CA VAL B 47 16.04 -0.14 -18.40
C VAL B 47 15.75 1.31 -17.98
N ALA B 48 15.02 1.45 -16.89
CA ALA B 48 14.67 2.77 -16.35
C ALA B 48 15.92 3.55 -15.94
N GLU B 49 16.90 2.84 -15.35
CA GLU B 49 18.14 3.47 -14.93
C GLU B 49 18.95 3.93 -16.13
N ALA B 50 18.95 3.13 -17.19
CA ALA B 50 19.62 3.49 -18.43
C ALA B 50 18.96 4.71 -19.04
N ALA B 51 17.64 4.78 -18.94
CA ALA B 51 16.88 5.89 -19.49
C ALA B 51 17.08 7.18 -18.69
N CYS B 52 17.36 7.03 -17.39
CA CYS B 52 17.51 8.19 -16.52
C CYS B 52 18.37 7.85 -15.28
N PRO B 53 19.69 8.00 -15.41
CA PRO B 53 20.64 7.71 -14.34
C PRO B 53 20.30 8.41 -13.03
N GLY B 54 20.29 7.66 -11.93
CA GLY B 54 20.00 8.20 -10.63
C GLY B 54 18.56 8.02 -10.18
N ILE B 55 17.72 7.54 -11.09
CA ILE B 55 16.29 7.41 -10.78
C ILE B 55 16.00 6.31 -9.77
N THR B 56 16.87 5.30 -9.72
CA THR B 56 16.71 4.22 -8.75
C THR B 56 17.07 4.74 -7.36
N ASP B 57 18.09 5.58 -7.29
CA ASP B 57 18.48 6.25 -6.05
C ASP B 57 17.31 7.05 -5.50
N LYS B 58 16.63 7.77 -6.39
CA LYS B 58 15.50 8.60 -5.98
C LYS B 58 14.31 7.74 -5.57
N MET B 59 14.08 6.64 -6.30
CA MET B 59 12.99 5.73 -5.96
C MET B 59 13.19 5.18 -4.55
N VAL B 60 14.39 4.68 -4.28
CA VAL B 60 14.73 4.14 -2.97
C VAL B 60 14.62 5.20 -1.88
N LYS B 61 15.19 6.38 -2.14
CA LYS B 61 15.20 7.44 -1.15
C LYS B 61 13.79 7.90 -0.77
N LYS B 62 12.94 8.13 -1.78
CA LYS B 62 11.56 8.51 -1.49
C LYS B 62 10.82 7.39 -0.78
N LEU B 63 11.07 6.16 -1.21
CA LEU B 63 10.50 4.97 -0.60
C LEU B 63 10.74 4.99 0.91
N ILE B 64 12.00 5.05 1.32
CA ILE B 64 12.33 5.06 2.74
C ILE B 64 11.88 6.35 3.42
N GLU B 65 11.77 7.43 2.64
CA GLU B 65 11.27 8.69 3.18
C GLU B 65 9.80 8.59 3.56
N LYS B 66 9.10 7.63 2.96
CA LYS B 66 7.71 7.37 3.35
C LYS B 66 7.65 6.67 4.71
N PHE B 67 8.61 5.81 4.99
CA PHE B 67 8.63 5.05 6.24
C PHE B 67 9.49 5.73 7.30
N GLN B 68 10.38 6.61 6.86
CA GLN B 68 11.28 7.34 7.74
C GLN B 68 12.14 6.40 8.59
#